data_6S9R
#
_entry.id   6S9R
#
_cell.length_a   137.503
_cell.length_b   137.503
_cell.length_c   53.863
_cell.angle_alpha   90.000
_cell.angle_beta   90.000
_cell.angle_gamma   90.000
#
_symmetry.space_group_name_H-M   'I 4 2 2'
#
_entity_poly.entity_id   1
_entity_poly.type   'polypeptide(L)'
_entity_poly.pdbx_seq_one_letter_code
;SSGMYGKSKTSAVPSDAQAREKLALYVYEYLLHVGAQKAAQTFLSEIRWEKNITLGEPPGFLHTWWCVFWDLYCAAPERR
DQCDHSSEA
;
_entity_poly.pdbx_strand_id   A,B
#
# COMPACT_ATOMS: atom_id res chain seq x y z
N ALA A 17 5.06 -1.62 15.02
CA ALA A 17 3.70 -1.94 15.54
C ALA A 17 2.72 -0.75 15.46
N GLN A 18 3.09 0.47 15.88
CA GLN A 18 2.37 1.73 15.51
C GLN A 18 2.80 2.18 14.11
N ALA A 19 3.92 1.63 13.62
CA ALA A 19 4.39 1.76 12.22
C ALA A 19 3.40 1.06 11.29
N ARG A 20 2.94 -0.12 11.72
CA ARG A 20 2.11 -1.05 10.89
C ARG A 20 0.71 -0.43 10.75
N GLU A 21 0.30 0.29 11.77
CA GLU A 21 -1.07 0.84 11.85
C GLU A 21 -1.14 2.07 10.92
N LYS A 22 -0.11 2.92 10.91
CA LYS A 22 -0.05 4.05 9.94
C LYS A 22 0.04 3.56 8.48
N LEU A 23 0.75 2.45 8.24
CA LEU A 23 0.89 1.97 6.84
C LEU A 23 -0.50 1.59 6.33
N ALA A 24 -1.26 0.86 7.15
CA ALA A 24 -2.65 0.41 6.88
C ALA A 24 -3.54 1.60 6.48
N LEU A 25 -3.48 2.68 7.24
CA LEU A 25 -4.28 3.88 6.97
C LEU A 25 -3.93 4.43 5.59
N TYR A 26 -2.66 4.45 5.26
CA TYR A 26 -2.15 5.19 4.09
C TYR A 26 -2.40 4.37 2.82
N VAL A 27 -2.40 3.06 3.03
CA VAL A 27 -2.79 2.07 2.02
C VAL A 27 -4.29 2.22 1.77
N TYR A 28 -5.13 2.25 2.81
CA TYR A 28 -6.60 2.44 2.66
C TYR A 28 -6.81 3.76 1.88
N GLU A 29 -6.09 4.82 2.25
CA GLU A 29 -6.15 6.10 1.49
C GLU A 29 -5.72 5.87 0.02
N TYR A 30 -4.64 5.14 -0.25
CA TYR A 30 -4.15 4.91 -1.64
C TYR A 30 -5.30 4.33 -2.47
N LEU A 31 -5.91 3.27 -1.93
CA LEU A 31 -6.95 2.46 -2.58
C LEU A 31 -8.13 3.36 -2.94
N LEU A 32 -8.58 4.24 -2.04
CA LEU A 32 -9.69 5.16 -2.43
C LEU A 32 -9.24 6.09 -3.54
N HIS A 33 -8.06 6.70 -3.41
CA HIS A 33 -7.66 7.73 -4.39
C HIS A 33 -7.31 7.06 -5.73
N VAL A 34 -6.92 5.79 -5.77
CA VAL A 34 -6.57 5.16 -7.08
C VAL A 34 -7.81 4.56 -7.76
N GLY A 35 -9.04 4.70 -7.18
CA GLY A 35 -10.30 4.12 -7.69
C GLY A 35 -10.50 2.64 -7.35
N ALA A 36 -9.96 2.18 -6.22
CA ALA A 36 -10.17 0.79 -5.78
C ALA A 36 -10.96 0.86 -4.47
N GLN A 37 -12.05 1.63 -4.51
CA GLN A 37 -12.95 1.90 -3.36
C GLN A 37 -13.54 0.60 -2.80
N LYS A 38 -13.84 -0.38 -3.65
CA LYS A 38 -14.37 -1.67 -3.18
C LYS A 38 -13.30 -2.35 -2.32
N ALA A 39 -12.09 -2.51 -2.87
CA ALA A 39 -10.98 -3.14 -2.14
C ALA A 39 -10.79 -2.41 -0.80
N ALA A 40 -10.71 -1.09 -0.87
CA ALA A 40 -10.61 -0.20 0.31
C ALA A 40 -11.60 -0.66 1.39
N GLN A 41 -12.88 -0.71 1.07
CA GLN A 41 -13.88 -1.10 2.10
C GLN A 41 -13.54 -2.51 2.62
N THR A 42 -13.28 -3.45 1.70
CA THR A 42 -13.04 -4.88 2.04
C THR A 42 -11.82 -4.97 2.97
N PHE A 43 -10.82 -4.11 2.73
CA PHE A 43 -9.53 -4.07 3.47
C PHE A 43 -9.82 -3.84 4.96
N LEU A 44 -10.36 -2.68 5.28
CA LEU A 44 -10.75 -2.33 6.68
C LEU A 44 -11.46 -3.50 7.35
N SER A 45 -12.36 -4.14 6.63
CA SER A 45 -13.22 -5.17 7.24
C SER A 45 -12.37 -6.43 7.47
N GLU A 46 -11.47 -6.78 6.57
CA GLU A 46 -10.64 -7.98 6.74
C GLU A 46 -9.63 -7.86 7.90
N ILE A 47 -9.05 -6.70 8.15
CA ILE A 47 -8.09 -6.47 9.28
C ILE A 47 -8.87 -6.08 10.53
N ARG A 48 -10.20 -5.99 10.41
CA ARG A 48 -11.11 -5.78 11.57
C ARG A 48 -10.75 -4.43 12.20
N TRP A 49 -10.27 -3.48 11.38
CA TRP A 49 -9.91 -2.10 11.81
C TRP A 49 -11.08 -1.45 12.53
N GLU A 50 -10.83 -0.72 13.63
CA GLU A 50 -11.94 -0.08 14.39
C GLU A 50 -11.56 1.33 14.81
N LYS A 51 -10.40 1.82 14.40
CA LYS A 51 -9.94 3.18 14.79
C LYS A 51 -10.60 4.26 13.94
N ASN A 52 -10.37 5.52 14.27
CA ASN A 52 -10.97 6.62 13.48
C ASN A 52 -10.19 6.75 12.17
N ILE A 53 -10.85 7.24 11.12
CA ILE A 53 -10.24 7.43 9.77
C ILE A 53 -10.27 8.90 9.38
N THR A 54 -9.10 9.47 9.05
CA THR A 54 -8.93 10.77 8.35
C THR A 54 -7.94 10.60 7.20
N LEU A 55 -8.18 11.29 6.07
CA LEU A 55 -7.42 11.25 4.80
C LEU A 55 -7.17 12.68 4.37
N GLY A 56 -6.31 12.88 3.37
CA GLY A 56 -6.17 14.17 2.69
C GLY A 56 -6.38 13.97 1.21
N GLU A 57 -6.17 15.09 0.48
CA GLU A 57 -6.17 15.20 -1.01
C GLU A 57 -5.59 13.94 -1.66
N PRO A 58 -6.09 13.53 -2.84
CA PRO A 58 -5.34 12.62 -3.69
C PRO A 58 -4.05 13.32 -4.10
N PRO A 59 -3.03 12.56 -4.55
CA PRO A 59 -3.13 11.10 -4.62
C PRO A 59 -2.98 10.40 -3.27
N GLY A 60 -2.55 11.13 -2.23
CA GLY A 60 -2.38 10.58 -0.87
C GLY A 60 -0.92 10.41 -0.52
N PHE A 61 -0.66 10.18 0.76
CA PHE A 61 0.71 10.29 1.33
C PHE A 61 1.57 9.10 0.88
N LEU A 62 0.98 7.89 0.85
CA LEU A 62 1.68 6.68 0.41
C LEU A 62 2.25 6.94 -0.98
N HIS A 63 1.52 7.63 -1.84
CA HIS A 63 2.02 7.90 -3.20
C HIS A 63 3.18 8.88 -3.09
N THR A 64 3.05 9.90 -2.26
CA THR A 64 4.11 10.94 -2.11
C THR A 64 5.45 10.34 -1.66
N TRP A 65 5.38 9.50 -0.63
CA TRP A 65 6.53 8.79 -0.03
C TRP A 65 7.14 7.92 -1.11
N TRP A 66 6.30 7.12 -1.77
CA TRP A 66 6.73 6.13 -2.79
C TRP A 66 7.57 6.79 -3.91
N CYS A 67 7.15 7.98 -4.35
CA CYS A 67 7.78 8.67 -5.49
C CYS A 67 9.22 9.01 -5.13
N VAL A 68 9.49 9.42 -3.90
CA VAL A 68 10.89 9.81 -3.60
C VAL A 68 11.66 8.53 -3.33
N PHE A 69 11.01 7.60 -2.65
CA PHE A 69 11.64 6.32 -2.24
C PHE A 69 12.02 5.54 -3.50
N TRP A 70 11.06 5.28 -4.37
CA TRP A 70 11.30 4.49 -5.60
C TRP A 70 12.32 5.17 -6.53
N ASP A 71 12.30 6.50 -6.65
CA ASP A 71 13.38 7.25 -7.35
C ASP A 71 14.75 7.00 -6.70
N LEU A 72 14.77 6.69 -5.40
CA LEU A 72 16.06 6.42 -4.76
C LEU A 72 16.48 5.00 -5.13
N TYR A 73 15.57 4.05 -4.95
CA TYR A 73 15.81 2.60 -5.18
C TYR A 73 16.06 2.26 -6.66
N CYS A 74 15.61 3.09 -7.60
CA CYS A 74 15.72 2.81 -9.07
C CYS A 74 15.16 1.40 -9.30
N ALA A 75 16.03 0.48 -9.70
CA ALA A 75 15.75 -0.97 -9.86
C ALA A 75 14.64 -1.28 -10.87
N ALA A 76 13.96 -2.40 -10.60
CA ALA A 76 12.85 -2.93 -11.39
C ALA A 76 12.10 -3.97 -10.54
N ASP B 16 8.10 7.38 -14.07
CA ASP B 16 6.87 7.98 -13.49
C ASP B 16 5.76 6.94 -13.49
N ALA B 17 5.40 6.44 -14.67
CA ALA B 17 4.36 5.40 -14.76
C ALA B 17 4.93 4.10 -14.17
N GLN B 18 6.22 3.86 -14.41
CA GLN B 18 6.87 2.65 -13.87
C GLN B 18 6.69 2.66 -12.36
N ALA B 19 6.78 3.86 -11.77
CA ALA B 19 6.62 4.00 -10.31
C ALA B 19 5.21 3.57 -9.93
N ARG B 20 4.21 4.22 -10.52
CA ARG B 20 2.80 3.92 -10.23
C ARG B 20 2.53 2.42 -10.37
N GLU B 21 3.10 1.78 -11.39
CA GLU B 21 2.82 0.34 -11.59
C GLU B 21 3.48 -0.47 -10.44
N LYS B 22 4.63 -0.03 -9.96
CA LYS B 22 5.37 -0.81 -8.94
C LYS B 22 4.73 -0.69 -7.50
N LEU B 23 4.18 0.49 -7.24
CA LEU B 23 3.32 0.77 -6.01
C LEU B 23 2.12 -0.19 -6.01
N ALA B 24 1.41 -0.25 -7.13
CA ALA B 24 0.25 -1.13 -7.21
C ALA B 24 0.74 -2.54 -6.87
N LEU B 25 1.79 -2.99 -7.56
CA LEU B 25 2.24 -4.39 -7.39
C LEU B 25 2.49 -4.64 -5.90
N TYR B 26 3.18 -3.69 -5.24
CA TYR B 26 3.68 -3.91 -3.86
C TYR B 26 2.55 -3.70 -2.85
N VAL B 27 1.56 -2.89 -3.21
CA VAL B 27 0.34 -2.80 -2.39
C VAL B 27 -0.37 -4.17 -2.45
N TYR B 28 -0.46 -4.74 -3.64
CA TYR B 28 -1.15 -6.04 -3.79
C TYR B 28 -0.49 -7.05 -2.86
N GLU B 29 0.82 -7.18 -2.97
CA GLU B 29 1.60 -8.12 -2.13
C GLU B 29 1.28 -7.89 -0.66
N TYR B 30 1.33 -6.63 -0.21
CA TYR B 30 1.04 -6.30 1.19
C TYR B 30 -0.32 -6.87 1.60
N LEU B 31 -1.35 -6.64 0.79
CA LEU B 31 -2.74 -7.06 1.11
C LEU B 31 -2.81 -8.57 1.28
N LEU B 32 -1.98 -9.31 0.56
CA LEU B 32 -1.94 -10.79 0.68
C LEU B 32 -1.29 -11.17 2.00
N HIS B 33 -0.17 -10.55 2.33
CA HIS B 33 0.59 -10.91 3.56
C HIS B 33 -0.09 -10.36 4.81
N VAL B 34 -0.87 -9.29 4.67
CA VAL B 34 -1.49 -8.69 5.88
C VAL B 34 -2.77 -9.45 6.23
N GLY B 35 -3.12 -10.48 5.47
CA GLY B 35 -4.35 -11.26 5.74
C GLY B 35 -5.59 -10.59 5.17
N ALA B 36 -5.48 -9.93 4.02
CA ALA B 36 -6.57 -9.20 3.34
C ALA B 36 -6.63 -9.64 1.87
N GLN B 37 -6.92 -10.92 1.67
CA GLN B 37 -6.72 -11.62 0.37
C GLN B 37 -7.86 -11.20 -0.57
N LYS B 38 -9.10 -11.21 -0.06
CA LYS B 38 -10.30 -10.69 -0.77
C LYS B 38 -9.97 -9.29 -1.29
N ALA B 39 -9.41 -8.42 -0.45
CA ALA B 39 -9.17 -7.01 -0.82
C ALA B 39 -8.17 -6.94 -1.98
N ALA B 40 -7.15 -7.79 -1.91
CA ALA B 40 -6.04 -7.83 -2.89
C ALA B 40 -6.57 -8.21 -4.27
N GLN B 41 -7.43 -9.24 -4.29
CA GLN B 41 -8.05 -9.72 -5.53
C GLN B 41 -8.89 -8.61 -6.14
N THR B 42 -9.82 -8.05 -5.38
CA THR B 42 -10.69 -6.99 -5.91
C THR B 42 -9.85 -5.80 -6.38
N PHE B 43 -8.80 -5.46 -5.63
CA PHE B 43 -7.88 -4.34 -6.04
C PHE B 43 -7.43 -4.57 -7.49
N LEU B 44 -7.00 -5.78 -7.82
CA LEU B 44 -6.43 -6.05 -9.18
C LEU B 44 -7.53 -5.96 -10.25
N SER B 45 -8.76 -6.38 -9.90
CA SER B 45 -9.94 -6.17 -10.77
C SER B 45 -10.10 -4.68 -11.06
N GLU B 46 -10.12 -3.86 -10.00
CA GLU B 46 -10.58 -2.45 -10.12
C GLU B 46 -9.56 -1.65 -10.93
N ILE B 47 -8.29 -2.07 -10.96
CA ILE B 47 -7.23 -1.35 -11.71
C ILE B 47 -6.91 -2.07 -13.04
N ARG B 48 -7.49 -3.25 -13.28
CA ARG B 48 -7.53 -3.92 -14.61
C ARG B 48 -6.07 -4.21 -14.96
N TRP B 49 -5.52 -5.01 -14.07
CA TRP B 49 -4.08 -5.32 -14.00
C TRP B 49 -3.86 -6.51 -14.91
N GLU B 50 -3.05 -6.30 -15.94
CA GLU B 50 -2.89 -7.28 -17.05
C GLU B 50 -1.43 -7.72 -17.11
N LYS B 51 -0.67 -7.47 -16.05
CA LYS B 51 0.79 -7.66 -16.06
C LYS B 51 1.12 -8.80 -15.08
N ASN B 52 2.41 -9.22 -15.19
CA ASN B 52 3.01 -10.31 -14.37
C ASN B 52 2.94 -9.89 -12.90
N ILE B 53 2.96 -10.90 -12.03
CA ILE B 53 2.89 -10.76 -10.55
C ILE B 53 3.95 -11.69 -9.97
N THR B 54 4.91 -11.10 -9.28
CA THR B 54 6.12 -11.75 -8.72
C THR B 54 6.14 -11.41 -7.22
N LEU B 55 6.03 -12.42 -6.34
CA LEU B 55 5.76 -12.29 -4.89
C LEU B 55 6.99 -12.66 -4.07
N GLY B 56 7.29 -11.86 -3.04
CA GLY B 56 8.34 -12.17 -2.05
C GLY B 56 7.79 -12.83 -0.80
N GLU B 57 8.61 -12.88 0.23
CA GLU B 57 8.26 -13.44 1.55
C GLU B 57 7.56 -12.35 2.34
N PRO B 58 6.66 -12.76 3.28
CA PRO B 58 6.04 -11.83 4.23
C PRO B 58 7.11 -11.08 5.01
N PRO B 59 6.86 -9.84 5.45
CA PRO B 59 5.61 -9.10 5.16
C PRO B 59 5.66 -8.27 3.85
N GLY B 60 6.74 -8.52 3.11
CA GLY B 60 6.90 -8.03 1.75
C GLY B 60 7.55 -6.67 1.74
N PHE B 61 7.89 -6.25 0.54
CA PHE B 61 8.79 -5.12 0.20
C PHE B 61 8.32 -3.82 0.84
N LEU B 62 7.00 -3.56 0.81
CA LEU B 62 6.42 -2.23 1.16
C LEU B 62 6.48 -2.02 2.68
N HIS B 63 6.09 -3.04 3.44
CA HIS B 63 6.25 -3.07 4.91
C HIS B 63 7.72 -2.81 5.27
N THR B 64 8.65 -3.62 4.78
CA THR B 64 10.10 -3.49 5.01
C THR B 64 10.58 -2.05 4.80
N TRP B 65 10.32 -1.49 3.64
CA TRP B 65 10.85 -0.14 3.34
C TRP B 65 10.07 0.92 4.10
N TRP B 66 8.80 0.70 4.35
CA TRP B 66 8.00 1.65 5.18
C TRP B 66 8.63 1.76 6.58
N CYS B 67 8.81 0.62 7.25
CA CYS B 67 9.42 0.48 8.59
C CYS B 67 10.83 1.11 8.65
N VAL B 68 11.65 0.95 7.62
CA VAL B 68 12.96 1.67 7.56
C VAL B 68 12.70 3.16 7.70
N PHE B 69 11.78 3.72 6.93
CA PHE B 69 11.57 5.19 6.93
C PHE B 69 10.86 5.61 8.22
N TRP B 70 10.06 4.73 8.79
CA TRP B 70 9.37 5.01 10.06
C TRP B 70 10.42 5.16 11.16
N ASP B 71 11.28 4.15 11.31
CA ASP B 71 12.37 4.16 12.33
C ASP B 71 13.13 5.48 12.21
N LEU B 72 13.30 5.96 10.98
CA LEU B 72 14.03 7.23 10.75
C LEU B 72 13.12 8.40 11.13
N TYR B 73 11.82 8.27 10.88
CA TYR B 73 10.86 9.35 11.19
C TYR B 73 10.76 9.53 12.71
N CYS B 74 10.84 8.43 13.45
CA CYS B 74 10.68 8.45 14.92
C CYS B 74 12.01 8.72 15.63
N ALA B 75 13.08 9.05 14.90
CA ALA B 75 14.38 9.36 15.53
C ALA B 75 14.63 10.87 15.44
N ALA B 76 13.68 11.62 14.87
CA ALA B 76 13.81 13.09 14.75
C ALA B 76 12.81 13.78 15.67
#